data_3NBE
#
_entry.id   3NBE
#
_cell.length_a   41.885
_cell.length_b   80.955
_cell.length_c   95.777
_cell.angle_alpha   90.00
_cell.angle_beta   90.00
_cell.angle_gamma   90.00
#
_symmetry.space_group_name_H-M   'P 21 21 21'
#
loop_
_entity.id
_entity.type
_entity.pdbx_description
1 polymer 'Ricin B-like lectin'
2 branched '2-acetamido-2-deoxy-beta-D-galactopyranose-(1-4)-2-azidoethyl 2-acetamido-2-deoxy-beta-D-glucopyranoside'
3 non-polymer 'SULFATE ION'
4 water water
#
_entity_poly.entity_id   1
_entity_poly.type   'polypeptide(L)'
_entity_poly.pdbx_seq_one_letter_code
;SITPGTYNITNVAYTNRLIDLTGSNPAENTLIIGHHLNKTPSGYGNQQWTLVQLPHTTIYTMQAVNPQSYVRVRDDNLVD
GAALVGSQQPTPVSIESAGNSGQFRIKIPNLGLALTLPSDANSTPIVLGEVDETSTNQLWAFESVSAV
;
_entity_poly.pdbx_strand_id   A,B
#
loop_
_chem_comp.id
_chem_comp.type
_chem_comp.name
_chem_comp.formula
NGA D-saccharide, beta linking 2-acetamido-2-deoxy-beta-D-galactopyranose 'C8 H15 N O6'
SO4 non-polymer 'SULFATE ION' 'O4 S -2'
Z3Q D-saccharide '2-azidoethyl 2-acetamido-2-deoxy-beta-D-glucopyranoside' 'C10 H18 N4 O6'
#
# COMPACT_ATOMS: atom_id res chain seq x y z
N SER A 1 10.98 -5.04 -9.22
CA SER A 1 10.26 -3.75 -9.13
C SER A 1 11.21 -2.54 -9.13
N ILE A 2 10.74 -1.33 -9.49
CA ILE A 2 11.58 -0.18 -9.58
C ILE A 2 12.26 0.10 -8.26
N THR A 3 13.56 0.29 -8.32
CA THR A 3 14.34 0.65 -7.13
C THR A 3 14.02 2.05 -6.64
N PRO A 4 14.03 2.18 -5.33
CA PRO A 4 13.76 3.44 -4.65
C PRO A 4 14.75 4.39 -5.27
N GLY A 5 14.37 5.62 -5.51
CA GLY A 5 15.32 6.55 -6.09
C GLY A 5 14.53 7.69 -6.70
N THR A 6 15.18 8.50 -7.53
CA THR A 6 14.57 9.80 -8.08
C THR A 6 14.51 9.70 -9.52
N TYR A 7 13.33 9.98 -10.11
CA TYR A 7 13.15 9.75 -11.57
C TYR A 7 12.40 10.89 -12.29
N ASN A 8 12.56 10.89 -13.59
CA ASN A 8 11.71 11.73 -14.50
C ASN A 8 10.81 10.62 -14.94
N ILE A 9 9.50 10.91 -15.04
CA ILE A 9 8.54 9.85 -15.36
C ILE A 9 7.83 10.37 -16.58
N THR A 10 7.91 9.58 -17.66
CA THR A 10 7.38 10.09 -18.95
C THR A 10 6.28 9.24 -19.45
N ASN A 11 5.28 9.83 -20.08
CA ASN A 11 4.14 9.02 -20.56
C ASN A 11 4.52 8.15 -21.79
N VAL A 12 3.92 6.98 -21.89
CA VAL A 12 4.30 6.10 -23.05
C VAL A 12 3.56 6.47 -24.29
N ALA A 13 2.30 6.92 -24.11
CA ALA A 13 1.59 7.39 -25.32
C ALA A 13 2.22 8.66 -25.79
N TYR A 14 2.46 9.59 -24.87
CA TYR A 14 3.01 10.98 -25.23
C TYR A 14 4.33 11.12 -24.62
N THR A 15 5.29 10.61 -25.36
CA THR A 15 6.65 10.51 -24.82
C THR A 15 7.34 11.83 -24.55
N ASN A 16 6.82 13.00 -25.04
CA ASN A 16 7.43 14.30 -24.70
CA ASN A 16 7.36 14.16 -24.67
C ASN A 16 6.69 14.93 -23.45
N ARG A 17 5.99 14.13 -22.65
CA ARG A 17 5.26 14.67 -21.46
C ARG A 17 5.77 13.96 -20.20
N LEU A 18 6.27 14.76 -19.29
CA LEU A 18 6.73 14.24 -17.96
C LEU A 18 5.60 14.51 -16.94
N ILE A 19 5.57 13.70 -15.86
CA ILE A 19 4.79 14.15 -14.70
C ILE A 19 5.44 15.35 -14.10
N ASP A 20 4.62 16.38 -13.83
CA ASP A 20 5.08 17.70 -13.49
C ASP A 20 4.05 18.31 -12.44
N LEU A 21 4.54 18.84 -11.30
CA LEU A 21 3.64 19.47 -10.32
C LEU A 21 3.62 20.95 -10.87
N THR A 22 2.42 21.36 -11.21
CA THR A 22 2.18 22.70 -11.77
C THR A 22 2.88 23.84 -11.03
N GLY A 23 3.67 24.59 -11.80
CA GLY A 23 4.26 25.87 -11.34
C GLY A 23 5.24 25.69 -10.15
N SER A 24 5.75 24.50 -9.94
CA SER A 24 6.58 24.08 -8.66
C SER A 24 5.78 24.64 -7.39
N ASN A 25 4.47 24.52 -7.40
CA ASN A 25 3.70 25.24 -6.34
C ASN A 25 3.53 24.30 -5.16
N PRO A 26 3.97 24.77 -3.93
CA PRO A 26 3.83 23.82 -2.79
C PRO A 26 2.35 23.72 -2.24
N ALA A 27 1.47 24.63 -2.66
CA ALA A 27 0.08 24.56 -2.20
C ALA A 27 -0.67 23.23 -2.32
N GLU A 28 -1.45 22.87 -1.27
CA GLU A 28 -2.31 21.75 -1.40
C GLU A 28 -3.11 21.91 -2.73
N ASN A 29 -3.36 20.74 -3.24
CA ASN A 29 -4.26 20.56 -4.43
C ASN A 29 -3.76 21.15 -5.67
N THR A 30 -2.54 21.58 -5.62
CA THR A 30 -1.88 21.93 -6.96
C THR A 30 -1.97 20.76 -7.99
N LEU A 31 -2.34 21.03 -9.27
CA LEU A 31 -2.53 19.91 -10.06
C LEU A 31 -1.25 19.29 -10.54
N ILE A 32 -1.30 17.97 -10.72
CA ILE A 32 -0.22 17.28 -11.35
C ILE A 32 -0.66 17.05 -12.83
N ILE A 33 0.29 17.36 -13.74
CA ILE A 33 0.02 17.39 -15.22
C ILE A 33 1.09 16.71 -16.07
N GLY A 34 0.79 16.54 -17.36
CA GLY A 34 1.74 16.03 -18.33
C GLY A 34 2.34 17.32 -18.92
N HIS A 35 3.68 17.49 -18.99
CA HIS A 35 4.25 18.78 -19.47
C HIS A 35 5.62 18.50 -20.12
N HIS A 36 6.00 19.30 -21.11
CA HIS A 36 7.33 19.13 -21.74
C HIS A 36 8.40 19.28 -20.64
N LEU A 37 9.55 18.62 -20.90
CA LEU A 37 10.72 18.76 -20.05
C LEU A 37 11.03 20.30 -19.91
N ASN A 38 11.16 20.72 -18.66
CA ASN A 38 11.34 22.10 -18.42
C ASN A 38 12.76 22.61 -18.16
N LYS A 39 13.74 21.66 -18.31
CA LYS A 39 15.14 22.10 -18.14
CA LYS A 39 15.06 22.15 -18.61
C LYS A 39 15.93 20.83 -18.45
N THR A 40 17.02 20.89 -19.24
CA THR A 40 17.90 19.72 -19.43
C THR A 40 18.87 19.63 -18.21
N PRO A 41 19.33 18.43 -17.85
CA PRO A 41 18.98 17.19 -18.51
C PRO A 41 17.67 16.58 -17.94
N SER A 42 17.30 16.96 -16.75
CA SER A 42 16.22 16.26 -16.00
C SER A 42 15.19 17.10 -15.38
N GLY A 43 15.10 18.34 -15.85
CA GLY A 43 14.09 19.26 -15.33
C GLY A 43 14.44 19.86 -14.00
N TYR A 44 13.63 20.83 -13.60
CA TYR A 44 13.65 21.44 -12.27
C TYR A 44 13.07 20.34 -11.30
N GLY A 45 12.98 20.70 -10.00
CA GLY A 45 12.52 19.67 -9.07
C GLY A 45 11.08 19.17 -9.20
N ASN A 46 10.25 20.04 -9.73
CA ASN A 46 8.87 19.67 -9.93
C ASN A 46 8.66 18.60 -11.02
N GLN A 47 9.73 18.12 -11.74
CA GLN A 47 9.61 17.04 -12.64
C GLN A 47 10.48 15.88 -12.24
N GLN A 48 10.89 15.93 -10.99
CA GLN A 48 11.66 14.78 -10.46
C GLN A 48 10.82 14.22 -9.30
N TRP A 49 10.80 12.89 -9.21
CA TRP A 49 9.94 12.22 -8.23
C TRP A 49 10.74 11.14 -7.54
N THR A 50 10.76 11.23 -6.22
CA THR A 50 11.44 10.23 -5.42
C THR A 50 10.41 9.19 -4.93
N LEU A 51 10.76 7.93 -5.15
CA LEU A 51 10.01 6.82 -4.81
C LEU A 51 10.61 6.17 -3.56
N VAL A 52 9.70 5.92 -2.64
CA VAL A 52 10.05 5.22 -1.40
C VAL A 52 9.11 3.99 -1.49
N GLN A 53 9.72 2.85 -1.24
CA GLN A 53 9.04 1.56 -1.38
C GLN A 53 8.86 0.77 -0.05
N LEU A 54 7.66 0.11 0.07
CA LEU A 54 7.36 -0.79 1.23
C LEU A 54 8.05 -2.18 0.81
N PRO A 55 9.15 -2.55 1.48
CA PRO A 55 9.75 -3.82 1.05
C PRO A 55 8.87 -5.01 0.80
N HIS A 56 9.28 -5.77 -0.22
CA HIS A 56 8.56 -7.00 -0.62
C HIS A 56 7.16 -6.76 -1.12
N THR A 57 6.90 -5.53 -1.55
CA THR A 57 5.57 -5.28 -2.13
C THR A 57 5.86 -4.24 -3.32
N THR A 58 4.83 -3.99 -4.11
CA THR A 58 4.97 -2.92 -5.19
C THR A 58 4.31 -1.67 -4.71
N ILE A 59 4.31 -1.43 -3.38
CA ILE A 59 3.60 -0.16 -2.94
C ILE A 59 4.64 0.91 -2.69
N TYR A 60 4.35 2.13 -3.15
CA TYR A 60 5.27 3.18 -3.01
C TYR A 60 4.60 4.53 -2.63
N THR A 61 5.41 5.40 -2.11
CA THR A 61 5.05 6.87 -2.07
C THR A 61 5.85 7.57 -3.17
N MET A 62 5.28 8.65 -3.77
CA MET A 62 6.02 9.41 -4.76
C MET A 62 6.04 10.88 -4.27
N GLN A 63 7.28 11.42 -4.14
CA GLN A 63 7.44 12.74 -3.67
C GLN A 63 8.26 13.62 -4.57
N ALA A 64 7.77 14.81 -4.98
CA ALA A 64 8.64 15.63 -5.70
C ALA A 64 9.86 16.09 -4.97
N VAL A 65 10.83 16.42 -5.77
CA VAL A 65 12.16 17.02 -5.25
C VAL A 65 12.09 18.42 -4.75
N ASN A 66 11.43 19.30 -5.50
CA ASN A 66 11.24 20.68 -5.04
C ASN A 66 10.04 21.33 -5.78
N PRO A 67 9.01 21.75 -5.05
CA PRO A 67 8.86 21.64 -3.59
C PRO A 67 8.63 20.15 -3.20
N GLN A 68 8.61 19.81 -1.92
CA GLN A 68 8.41 18.42 -1.57
C GLN A 68 7.01 17.99 -1.36
N SER A 69 6.26 18.02 -2.45
CA SER A 69 4.83 17.66 -2.36
C SER A 69 4.76 16.19 -2.73
N TYR A 70 3.90 15.46 -2.07
CA TYR A 70 3.73 14.09 -2.52
C TYR A 70 2.63 14.04 -3.62
N VAL A 71 2.65 12.95 -4.34
CA VAL A 71 1.54 12.66 -5.28
C VAL A 71 0.35 12.17 -4.45
N ARG A 72 -0.84 12.76 -4.64
CA ARG A 72 -2.03 12.40 -3.89
C ARG A 72 -3.29 12.50 -4.80
N VAL A 73 -4.24 11.55 -4.61
CA VAL A 73 -5.54 11.69 -5.35
C VAL A 73 -6.36 12.75 -4.53
N ARG A 74 -6.79 13.81 -5.15
CA ARG A 74 -7.41 14.90 -4.49
C ARG A 74 -8.56 14.43 -3.60
N ASP A 75 -8.57 14.93 -2.36
CA ASP A 75 -9.59 14.62 -1.34
C ASP A 75 -9.64 13.10 -1.02
N ASP A 76 -8.61 12.34 -1.40
CA ASP A 76 -8.56 10.89 -1.20
C ASP A 76 -9.78 10.25 -1.85
N ASN A 77 -10.23 10.87 -2.94
CA ASN A 77 -11.47 10.39 -3.67
C ASN A 77 -11.05 9.38 -4.72
N LEU A 78 -10.94 8.04 -4.36
CA LEU A 78 -10.29 7.12 -5.27
C LEU A 78 -11.32 6.55 -6.25
N VAL A 79 -11.77 7.36 -7.25
CA VAL A 79 -12.73 6.96 -8.21
C VAL A 79 -12.26 7.44 -9.61
N ASP A 80 -12.75 6.80 -10.67
CA ASP A 80 -12.42 7.19 -12.02
C ASP A 80 -12.58 8.71 -12.26
N GLY A 81 -11.55 9.36 -12.79
CA GLY A 81 -11.61 10.75 -13.24
C GLY A 81 -11.02 11.59 -12.17
N ALA A 82 -10.76 11.00 -11.01
CA ALA A 82 -10.33 11.92 -9.92
C ALA A 82 -8.95 12.53 -10.20
N ALA A 83 -8.78 13.80 -9.88
CA ALA A 83 -7.50 14.47 -10.11
C ALA A 83 -6.30 14.03 -9.22
N LEU A 84 -5.11 14.01 -9.82
CA LEU A 84 -3.85 13.86 -9.06
C LEU A 84 -3.36 15.23 -8.79
N VAL A 85 -2.85 15.47 -7.57
CA VAL A 85 -2.41 16.75 -7.06
C VAL A 85 -1.22 16.58 -6.13
N GLY A 86 -0.59 17.72 -5.83
CA GLY A 86 0.52 17.84 -4.90
C GLY A 86 -0.12 18.02 -3.52
N SER A 87 0.38 17.23 -2.55
CA SER A 87 -0.13 17.37 -1.17
C SER A 87 1.03 17.14 -0.13
N GLN A 88 0.80 17.57 1.11
CA GLN A 88 1.73 17.30 2.18
C GLN A 88 1.59 15.80 2.59
N GLN A 89 0.58 15.05 2.12
CA GLN A 89 0.49 13.67 2.48
C GLN A 89 0.35 12.93 1.20
N PRO A 90 0.90 11.73 1.12
CA PRO A 90 0.77 10.95 -0.09
C PRO A 90 -0.50 10.03 -0.12
N THR A 91 -0.86 9.68 -1.32
CA THR A 91 -1.65 8.49 -1.64
C THR A 91 -0.61 7.35 -1.97
N PRO A 92 -0.77 6.18 -1.28
CA PRO A 92 0.16 5.09 -1.62
C PRO A 92 -0.17 4.61 -3.00
N VAL A 93 0.80 4.37 -3.82
CA VAL A 93 0.50 3.82 -5.14
C VAL A 93 1.10 2.41 -5.36
N SER A 94 0.60 1.69 -6.32
CA SER A 94 1.20 0.34 -6.60
C SER A 94 1.80 0.49 -8.01
N ILE A 95 3.12 0.43 -8.10
CA ILE A 95 3.79 0.61 -9.41
C ILE A 95 4.15 -0.73 -9.93
N GLU A 96 3.47 -1.08 -11.05
CA GLU A 96 3.49 -2.43 -11.57
C GLU A 96 3.97 -2.52 -13.00
N SER A 97 4.92 -3.39 -13.22
CA SER A 97 5.46 -3.48 -14.60
C SER A 97 4.39 -3.94 -15.58
N ALA A 98 4.37 -3.35 -16.80
CA ALA A 98 3.41 -3.70 -17.80
C ALA A 98 4.29 -4.67 -18.56
N GLY A 99 3.73 -5.72 -19.15
CA GLY A 99 4.61 -6.73 -19.81
C GLY A 99 5.79 -6.29 -20.68
N ASN A 100 5.66 -5.02 -20.98
CA ASN A 100 6.41 -4.12 -21.77
C ASN A 100 7.90 -4.01 -21.79
N SER A 101 8.35 -2.84 -22.25
CA SER A 101 9.77 -2.57 -22.27
C SER A 101 9.92 -2.30 -20.76
N GLY A 102 10.60 -1.25 -20.40
CA GLY A 102 10.66 -0.84 -19.00
C GLY A 102 9.43 0.03 -18.71
N GLN A 103 8.25 -0.47 -19.05
CA GLN A 103 7.00 0.34 -18.84
C GLN A 103 6.21 -0.17 -17.66
N PHE A 104 5.58 0.78 -17.00
CA PHE A 104 4.80 0.54 -15.73
C PHE A 104 3.42 1.20 -15.64
N ARG A 105 2.51 0.60 -14.82
CA ARG A 105 1.24 1.29 -14.57
C ARG A 105 1.42 1.84 -13.12
N ILE A 106 0.95 3.07 -12.80
CA ILE A 106 0.99 3.60 -11.43
C ILE A 106 -0.51 3.46 -11.03
N LYS A 107 -0.82 2.44 -10.16
CA LYS A 107 -2.11 2.05 -9.78
C LYS A 107 -2.55 2.44 -8.40
N ILE A 108 -3.84 2.58 -8.24
CA ILE A 108 -4.38 2.87 -6.87
C ILE A 108 -4.61 1.40 -6.38
N PRO A 109 -3.88 1.04 -5.37
CA PRO A 109 -3.98 -0.34 -4.82
C PRO A 109 -5.38 -0.89 -4.68
N ASN A 110 -5.54 -2.08 -5.23
CA ASN A 110 -6.72 -2.96 -5.16
C ASN A 110 -7.98 -2.42 -5.84
N LEU A 111 -7.93 -1.24 -6.50
CA LEU A 111 -9.10 -0.62 -7.13
C LEU A 111 -9.12 -0.77 -8.65
N GLY A 112 -8.08 -1.22 -9.30
CA GLY A 112 -8.22 -1.27 -10.75
C GLY A 112 -8.29 0.13 -11.43
N LEU A 113 -7.76 1.11 -10.76
CA LEU A 113 -7.59 2.53 -11.29
C LEU A 113 -6.12 2.87 -11.39
N ALA A 114 -5.77 3.71 -12.38
CA ALA A 114 -4.34 4.02 -12.61
C ALA A 114 -4.20 5.48 -13.05
N LEU A 115 -2.99 6.05 -12.88
CA LEU A 115 -2.70 7.43 -13.33
C LEU A 115 -2.79 7.42 -14.89
N THR A 116 -3.61 8.35 -15.46
CA THR A 116 -3.60 8.36 -16.97
CA THR A 116 -3.43 8.27 -17.02
C THR A 116 -3.35 9.80 -17.44
N LEU A 117 -2.89 9.96 -18.69
CA LEU A 117 -2.64 11.32 -19.31
C LEU A 117 -3.62 11.29 -20.46
N PRO A 118 -4.75 12.06 -20.30
CA PRO A 118 -5.72 11.90 -21.40
C PRO A 118 -5.56 12.58 -22.73
N SER A 119 -4.52 13.40 -22.80
CA SER A 119 -4.27 14.16 -24.02
C SER A 119 -2.81 14.56 -24.09
N ASP A 120 -2.28 14.67 -25.29
CA ASP A 120 -0.90 15.12 -25.48
CA ASP A 120 -0.88 15.15 -25.47
C ASP A 120 -0.82 16.66 -25.31
N ALA A 121 -1.97 17.34 -25.16
CA ALA A 121 -1.92 18.81 -25.09
C ALA A 121 -1.02 19.22 -23.87
N ASN A 122 -0.05 20.10 -24.09
CA ASN A 122 0.82 20.46 -22.91
C ASN A 122 -0.05 20.98 -21.71
N SER A 123 0.35 20.59 -20.52
CA SER A 123 -0.34 20.91 -19.29
C SER A 123 -1.67 20.14 -18.98
N THR A 124 -1.89 19.03 -19.68
CA THR A 124 -3.10 18.28 -19.49
C THR A 124 -3.09 17.60 -18.07
N PRO A 125 -3.93 18.05 -17.18
CA PRO A 125 -3.89 17.28 -15.84
C PRO A 125 -4.06 15.73 -15.89
N ILE A 126 -3.25 15.09 -15.08
CA ILE A 126 -3.30 13.64 -14.97
C ILE A 126 -4.40 13.27 -13.95
N VAL A 127 -5.18 12.22 -14.34
CA VAL A 127 -6.34 11.84 -13.55
C VAL A 127 -6.34 10.33 -13.41
N LEU A 128 -7.26 9.80 -12.60
CA LEU A 128 -7.33 8.35 -12.60
C LEU A 128 -8.20 7.98 -13.77
N GLY A 129 -7.95 6.76 -14.19
CA GLY A 129 -8.66 6.10 -15.26
C GLY A 129 -8.72 4.61 -14.92
N GLU A 130 -9.64 3.90 -15.52
CA GLU A 130 -9.70 2.44 -15.31
CA GLU A 130 -9.79 2.37 -15.40
C GLU A 130 -8.53 1.66 -15.92
N VAL A 131 -7.90 0.75 -15.13
CA VAL A 131 -6.89 -0.09 -15.70
C VAL A 131 -7.44 -0.85 -16.89
N ASP A 132 -6.67 -0.86 -17.96
CA ASP A 132 -7.12 -1.77 -19.05
C ASP A 132 -5.95 -2.46 -19.80
N GLU A 133 -6.25 -3.23 -20.82
CA GLU A 133 -5.13 -3.87 -21.47
C GLU A 133 -4.66 -3.08 -22.67
N THR A 134 -5.47 -2.17 -23.20
CA THR A 134 -4.91 -1.57 -24.43
C THR A 134 -4.53 -0.08 -24.48
N SER A 135 -4.87 0.67 -23.46
CA SER A 135 -4.58 2.06 -23.51
C SER A 135 -3.09 2.35 -23.11
N THR A 136 -2.34 2.98 -23.97
CA THR A 136 -0.98 3.40 -23.63
C THR A 136 -0.86 4.67 -22.78
N ASN A 137 -1.95 5.42 -22.70
CA ASN A 137 -1.90 6.65 -21.96
C ASN A 137 -1.81 6.40 -20.44
N GLN A 138 -2.01 5.15 -19.95
CA GLN A 138 -1.89 4.92 -18.51
C GLN A 138 -0.57 4.15 -18.31
N LEU A 139 0.24 4.10 -19.35
CA LEU A 139 1.58 3.46 -19.27
C LEU A 139 2.64 4.54 -19.04
N TRP A 140 3.65 4.20 -18.24
CA TRP A 140 4.69 5.20 -17.88
C TRP A 140 6.14 4.67 -17.85
N ALA A 141 7.08 5.49 -18.24
CA ALA A 141 8.53 5.07 -18.24
C ALA A 141 9.33 5.89 -17.25
N PHE A 142 10.28 5.23 -16.58
CA PHE A 142 11.02 5.91 -15.53
C PHE A 142 12.50 6.08 -15.84
N GLU A 143 13.03 7.28 -15.63
CA GLU A 143 14.45 7.51 -15.92
C GLU A 143 15.15 8.11 -14.74
N SER A 144 16.23 7.49 -14.20
CA SER A 144 16.94 8.04 -13.06
C SER A 144 17.46 9.46 -13.27
N VAL A 145 17.44 10.39 -12.30
CA VAL A 145 17.97 11.76 -12.46
C VAL A 145 19.49 11.61 -12.13
N SER A 146 20.45 12.07 -12.96
CA SER A 146 21.85 11.71 -12.60
C SER A 146 22.23 12.13 -11.20
N ALA A 147 22.99 11.31 -10.39
CA ALA A 147 23.28 12.04 -9.10
C ALA A 147 23.70 13.61 -9.24
N SER B 1 0.21 6.67 13.52
CA SER B 1 -0.26 5.32 13.27
C SER B 1 0.63 4.41 14.11
N ILE B 2 0.31 3.11 14.19
CA ILE B 2 1.16 2.26 15.02
C ILE B 2 2.67 2.27 14.71
N THR B 3 3.48 2.30 15.76
CA THR B 3 4.89 2.34 15.50
C THR B 3 5.47 0.99 15.04
N PRO B 4 6.35 0.98 14.04
CA PRO B 4 6.95 -0.26 13.56
C PRO B 4 7.59 -0.96 14.75
N GLY B 5 7.62 -2.28 14.69
CA GLY B 5 8.07 -3.07 15.84
C GLY B 5 7.47 -4.47 15.80
N THR B 6 7.57 -5.20 16.92
CA THR B 6 7.15 -6.60 16.97
C THR B 6 6.14 -6.68 18.04
N TYR B 7 5.03 -7.23 17.66
CA TYR B 7 3.86 -7.28 18.51
C TYR B 7 3.11 -8.58 18.69
N ASN B 8 2.60 -8.76 19.90
CA ASN B 8 1.59 -9.76 20.06
C ASN B 8 0.27 -9.05 19.65
N ILE B 9 -0.53 -9.75 18.92
CA ILE B 9 -1.92 -9.22 18.50
C ILE B 9 -3.11 -10.05 18.99
N THR B 10 -3.89 -9.43 19.90
CA THR B 10 -5.04 -10.09 20.51
C THR B 10 -6.35 -9.48 20.03
N ASN B 11 -7.24 -10.38 19.77
CA ASN B 11 -8.57 -9.98 19.36
C ASN B 11 -9.38 -9.23 20.48
N VAL B 12 -10.27 -8.34 20.05
CA VAL B 12 -11.01 -7.55 21.04
C VAL B 12 -12.26 -8.26 21.50
N ALA B 13 -12.91 -8.95 20.60
CA ALA B 13 -14.09 -9.68 20.94
C ALA B 13 -13.68 -10.85 21.81
N TYR B 14 -12.56 -11.45 21.44
CA TYR B 14 -12.10 -12.69 22.12
C TYR B 14 -10.74 -12.43 22.70
N THR B 15 -10.73 -11.99 23.94
CA THR B 15 -9.45 -11.56 24.48
C THR B 15 -8.45 -12.70 24.85
N ASN B 16 -8.82 -13.94 24.71
CA ASN B 16 -7.80 -14.95 25.00
C ASN B 16 -7.27 -15.49 23.69
N ARG B 17 -7.38 -14.69 22.62
CA ARG B 17 -7.00 -15.25 21.30
C ARG B 17 -6.01 -14.38 20.58
N LEU B 18 -4.89 -14.95 20.06
CA LEU B 18 -3.87 -14.04 19.47
C LEU B 18 -3.80 -14.50 18.03
N ILE B 19 -3.33 -13.63 17.17
CA ILE B 19 -3.10 -14.07 15.79
C ILE B 19 -1.85 -15.00 15.94
N ASP B 20 -1.94 -16.12 15.22
CA ASP B 20 -1.02 -17.25 15.44
C ASP B 20 -0.90 -17.97 14.08
N LEU B 21 0.32 -18.27 13.72
CA LEU B 21 0.62 -19.02 12.46
C LEU B 21 0.53 -20.54 12.83
N THR B 22 -0.44 -21.27 12.29
CA THR B 22 -0.76 -22.69 12.69
C THR B 22 0.54 -23.57 12.81
N GLY B 23 0.80 -24.10 14.01
CA GLY B 23 1.93 -25.01 14.20
C GLY B 23 3.28 -24.47 13.85
N SER B 24 3.51 -23.14 13.88
CA SER B 24 4.81 -22.60 13.52
C SER B 24 5.24 -23.23 12.17
N ASN B 25 4.28 -23.55 11.38
CA ASN B 25 4.55 -24.14 10.02
C ASN B 25 5.07 -23.13 8.96
N PRO B 26 6.37 -23.24 8.49
CA PRO B 26 6.89 -22.32 7.49
C PRO B 26 6.26 -22.56 6.08
N ALA B 27 5.47 -23.58 5.91
CA ALA B 27 4.96 -23.81 4.53
C ALA B 27 4.03 -22.71 3.92
N GLU B 28 4.04 -22.48 2.61
CA GLU B 28 3.09 -21.55 2.00
C GLU B 28 1.60 -22.04 2.29
N ASN B 29 0.67 -21.11 2.52
CA ASN B 29 -0.75 -21.36 2.68
C ASN B 29 -1.12 -22.02 4.00
N THR B 30 -0.17 -21.97 4.94
CA THR B 30 -0.45 -22.31 6.35
C THR B 30 -1.49 -21.32 6.96
N LEU B 31 -2.58 -21.85 7.52
CA LEU B 31 -3.60 -20.89 8.13
C LEU B 31 -3.16 -20.05 9.26
N ILE B 32 -3.55 -18.75 9.26
CA ILE B 32 -3.37 -17.92 10.42
C ILE B 32 -4.73 -18.08 11.21
N ILE B 33 -4.65 -18.20 12.56
CA ILE B 33 -5.78 -18.50 13.39
C ILE B 33 -5.78 -17.67 14.68
N GLY B 34 -6.91 -17.75 15.46
CA GLY B 34 -6.95 -17.15 16.74
C GLY B 34 -6.59 -18.37 17.62
N HIS B 35 -5.75 -18.13 18.60
CA HIS B 35 -5.28 -19.24 19.48
C HIS B 35 -4.75 -18.67 20.80
N HIS B 36 -5.03 -19.35 21.95
CA HIS B 36 -4.47 -18.80 23.19
C HIS B 36 -2.95 -18.59 23.12
N LEU B 37 -2.37 -17.73 23.99
CA LEU B 37 -1.01 -17.41 24.14
C LEU B 37 -0.36 -18.74 24.38
N ASN B 38 0.65 -18.99 23.56
CA ASN B 38 1.28 -20.27 23.66
C ASN B 38 2.57 -20.35 24.49
N LYS B 39 2.98 -19.23 25.07
CA LYS B 39 4.19 -19.20 25.92
CA LYS B 39 4.17 -19.20 25.92
C LYS B 39 4.18 -17.90 26.70
N THR B 40 4.70 -17.90 27.92
CA THR B 40 4.77 -16.64 28.68
C THR B 40 6.20 -16.05 28.54
N PRO B 41 6.35 -14.69 28.39
CA PRO B 41 5.08 -13.97 28.40
C PRO B 41 4.60 -13.49 27.03
N SER B 42 5.41 -13.76 25.97
CA SER B 42 4.99 -13.24 24.68
C SER B 42 4.81 -14.28 23.57
N GLY B 43 4.52 -15.53 23.95
CA GLY B 43 4.34 -16.56 22.99
C GLY B 43 5.63 -16.91 22.33
N TYR B 44 5.52 -17.97 21.60
CA TYR B 44 6.66 -18.37 20.70
C TYR B 44 6.67 -17.39 19.47
N GLY B 45 7.56 -17.65 18.53
CA GLY B 45 7.71 -16.71 17.35
C GLY B 45 6.55 -16.70 16.36
N ASN B 46 5.67 -17.69 16.40
CA ASN B 46 4.54 -17.77 15.52
C ASN B 46 3.40 -16.91 16.06
N GLN B 47 3.61 -16.20 17.17
CA GLN B 47 2.52 -15.36 17.71
C GLN B 47 3.07 -13.99 17.87
N GLN B 48 4.25 -13.69 17.28
CA GLN B 48 4.89 -12.42 17.39
C GLN B 48 4.98 -11.93 15.92
N TRP B 49 4.48 -10.67 15.62
CA TRP B 49 4.43 -10.11 14.29
C TRP B 49 5.15 -8.78 14.21
N THR B 50 6.07 -8.76 13.26
CA THR B 50 6.89 -7.64 13.01
C THR B 50 6.18 -6.79 11.94
N LEU B 51 6.13 -5.51 12.22
CA LEU B 51 5.39 -4.59 11.34
C LEU B 51 6.40 -3.76 10.68
N VAL B 52 6.22 -3.61 9.34
CA VAL B 52 7.15 -2.74 8.59
C VAL B 52 6.21 -1.71 7.98
N GLN B 53 6.63 -0.44 8.06
CA GLN B 53 5.70 0.65 7.62
C GLN B 53 6.21 1.51 6.46
N LEU B 54 5.28 1.90 5.51
CA LEU B 54 5.68 2.84 4.42
C LEU B 54 5.40 4.18 5.05
N PRO B 55 6.44 5.04 5.28
CA PRO B 55 6.37 6.33 5.92
C PRO B 55 5.40 7.18 5.31
N HIS B 56 4.75 7.83 6.24
CA HIS B 56 3.60 8.78 5.91
C HIS B 56 2.27 8.21 5.35
N THR B 57 2.15 6.92 5.52
CA THR B 57 0.94 6.17 5.21
C THR B 57 0.67 5.24 6.42
N THR B 58 -0.45 4.56 6.33
CA THR B 58 -0.79 3.53 7.28
C THR B 58 -0.65 2.14 6.63
N ILE B 59 0.19 1.95 5.55
CA ILE B 59 0.36 0.68 4.95
C ILE B 59 1.55 0.03 5.62
N TYR B 60 1.39 -1.28 5.77
CA TYR B 60 2.41 -2.05 6.46
C TYR B 60 2.39 -3.46 5.92
N THR B 61 3.53 -4.12 6.17
CA THR B 61 3.62 -5.57 6.02
C THR B 61 3.64 -6.23 7.41
N MET B 62 3.18 -7.51 7.50
CA MET B 62 3.21 -8.12 8.90
C MET B 62 3.97 -9.44 8.65
N GLN B 63 5.00 -9.71 9.43
CA GLN B 63 5.73 -10.95 9.26
C GLN B 63 5.99 -11.64 10.59
N ALA B 64 5.75 -12.91 10.65
CA ALA B 64 6.04 -13.57 11.94
C ALA B 64 7.57 -13.59 12.21
N VAL B 65 7.90 -13.72 13.47
CA VAL B 65 9.25 -13.72 13.88
C VAL B 65 9.88 -15.06 13.63
N ASN B 66 9.12 -16.13 13.86
CA ASN B 66 9.60 -17.48 13.52
C ASN B 66 8.50 -18.53 13.38
N PRO B 67 8.33 -19.20 12.20
CA PRO B 67 9.14 -19.00 11.00
C PRO B 67 8.87 -17.58 10.40
N GLN B 68 9.61 -17.13 9.36
CA GLN B 68 9.38 -15.72 8.96
C GLN B 68 8.36 -15.72 7.80
N SER B 69 7.14 -16.12 8.12
CA SER B 69 6.14 -16.08 7.06
C SER B 69 5.38 -14.75 7.15
N TYR B 70 5.18 -14.15 5.99
CA TYR B 70 4.25 -12.97 6.03
C TYR B 70 2.77 -13.29 6.05
N VAL B 71 1.92 -12.35 6.52
CA VAL B 71 0.48 -12.45 6.53
C VAL B 71 0.04 -12.13 5.08
N ARG B 72 -0.66 -13.07 4.50
CA ARG B 72 -1.10 -12.91 3.10
C ARG B 72 -2.55 -13.43 2.96
N VAL B 73 -3.38 -12.71 2.13
CA VAL B 73 -4.67 -13.28 1.81
C VAL B 73 -4.47 -14.37 0.80
N ARG B 74 -5.11 -15.57 0.99
CA ARG B 74 -4.93 -16.72 0.11
CA ARG B 74 -4.76 -16.70 0.12
C ARG B 74 -5.16 -16.31 -1.35
N ASP B 75 -4.21 -16.62 -2.25
CA ASP B 75 -4.32 -16.37 -3.68
C ASP B 75 -4.63 -14.93 -3.99
N ASP B 76 -4.22 -14.04 -3.12
CA ASP B 76 -4.53 -12.57 -3.27
C ASP B 76 -5.99 -12.29 -3.69
N ASN B 77 -6.91 -13.10 -3.14
CA ASN B 77 -8.34 -13.07 -3.45
C ASN B 77 -8.95 -12.22 -2.40
N LEU B 78 -9.00 -10.94 -2.71
CA LEU B 78 -9.46 -9.91 -1.81
C LEU B 78 -10.98 -9.76 -1.79
N VAL B 79 -11.63 -10.75 -1.24
CA VAL B 79 -13.11 -10.80 -1.16
C VAL B 79 -13.51 -11.27 0.22
N ASP B 80 -14.77 -11.00 0.56
CA ASP B 80 -15.38 -11.43 1.80
C ASP B 80 -15.19 -12.93 2.08
N GLY B 81 -14.75 -13.17 3.26
CA GLY B 81 -14.59 -14.57 3.72
C GLY B 81 -13.26 -15.25 3.33
N ALA B 82 -12.30 -14.48 2.77
CA ALA B 82 -11.11 -15.15 2.22
C ALA B 82 -10.13 -15.48 3.41
N ALA B 83 -9.34 -16.51 3.21
CA ALA B 83 -8.49 -16.93 4.30
C ALA B 83 -7.21 -16.11 4.45
N LEU B 84 -6.74 -15.90 5.68
CA LEU B 84 -5.45 -15.31 5.95
C LEU B 84 -4.50 -16.56 6.18
N VAL B 85 -3.30 -16.48 5.58
CA VAL B 85 -2.28 -17.56 5.57
C VAL B 85 -0.90 -16.99 5.67
N GLY B 86 0.10 -17.86 5.99
CA GLY B 86 1.45 -17.40 5.96
C GLY B 86 1.99 -17.64 4.55
N SER B 87 2.93 -16.80 4.14
CA SER B 87 3.47 -16.88 2.77
C SER B 87 4.80 -16.19 2.78
N GLN B 88 5.60 -16.51 1.77
CA GLN B 88 6.89 -15.84 1.55
C GLN B 88 6.66 -14.42 0.99
N GLN B 89 5.47 -14.16 0.54
CA GLN B 89 5.17 -12.79 0.09
C GLN B 89 3.98 -12.20 0.91
N PRO B 90 4.02 -10.90 1.29
CA PRO B 90 2.89 -10.38 2.09
C PRO B 90 1.76 -9.69 1.26
N THR B 91 0.63 -9.61 1.92
CA THR B 91 -0.44 -8.68 1.45
C THR B 91 -0.22 -7.40 2.25
N PRO B 92 -0.01 -6.24 1.54
CA PRO B 92 0.13 -5.01 2.25
C PRO B 92 -1.25 -4.78 2.99
N VAL B 93 -1.15 -4.35 4.22
CA VAL B 93 -2.39 -4.09 4.98
C VAL B 93 -2.43 -2.62 5.53
N SER B 94 -3.63 -2.13 5.89
CA SER B 94 -3.71 -0.77 6.36
C SER B 94 -4.17 -0.91 7.86
N ILE B 95 -3.33 -0.51 8.83
CA ILE B 95 -3.55 -0.79 10.25
C ILE B 95 -3.87 0.58 10.77
N GLU B 96 -5.14 0.63 11.11
CA GLU B 96 -5.79 1.87 11.48
C GLU B 96 -6.37 1.88 12.84
N SER B 97 -6.03 2.92 13.59
CA SER B 97 -6.57 3.04 14.93
C SER B 97 -8.10 3.08 14.93
N ALA B 98 -8.70 2.31 15.82
CA ALA B 98 -10.16 2.34 15.97
C ALA B 98 -10.56 3.20 17.18
N GLY B 99 -10.12 4.47 17.22
CA GLY B 99 -10.42 5.33 18.35
C GLY B 99 -9.91 4.56 19.55
N ASN B 100 -10.85 4.21 20.44
CA ASN B 100 -10.55 3.39 21.62
C ASN B 100 -9.15 3.66 22.25
N SER B 101 -8.23 2.68 22.23
CA SER B 101 -6.88 2.85 22.80
C SER B 101 -6.15 1.53 22.63
N GLY B 102 -5.08 1.49 21.82
CA GLY B 102 -4.40 0.23 21.59
C GLY B 102 -5.26 -0.70 20.74
N GLN B 103 -6.40 -0.20 20.28
CA GLN B 103 -7.34 -0.93 19.41
C GLN B 103 -7.13 -0.48 17.95
N PHE B 104 -7.08 -1.46 17.04
CA PHE B 104 -6.83 -1.24 15.61
C PHE B 104 -7.61 -2.20 14.73
N ARG B 105 -7.93 -1.76 13.51
CA ARG B 105 -8.53 -2.64 12.54
C ARG B 105 -7.32 -2.90 11.54
N ILE B 106 -7.22 -4.12 10.95
CA ILE B 106 -6.15 -4.48 10.01
C ILE B 106 -6.97 -4.66 8.79
N LYS B 107 -6.88 -3.66 7.93
CA LYS B 107 -7.78 -3.64 6.77
C LYS B 107 -7.04 -3.88 5.50
N ILE B 108 -7.79 -4.27 4.50
CA ILE B 108 -7.26 -4.48 3.15
C ILE B 108 -7.34 -2.99 2.56
N PRO B 109 -6.22 -2.43 2.03
CA PRO B 109 -6.18 -1.05 1.51
C PRO B 109 -7.27 -0.79 0.50
N ASN B 110 -8.00 0.29 0.78
CA ASN B 110 -9.04 0.72 -0.16
C ASN B 110 -10.28 -0.11 -0.40
N LEU B 111 -10.41 -1.24 0.29
CA LEU B 111 -11.52 -2.11 0.11
C LEU B 111 -12.26 -2.12 1.40
N GLY B 112 -13.43 -2.56 1.30
CA GLY B 112 -14.18 -2.54 2.58
C GLY B 112 -14.03 -3.85 3.30
N LEU B 113 -12.74 -4.25 3.63
CA LEU B 113 -12.52 -5.64 4.16
C LEU B 113 -11.52 -5.64 5.24
N ALA B 114 -11.73 -6.51 6.27
CA ALA B 114 -10.77 -6.40 7.34
C ALA B 114 -10.57 -7.76 8.00
N LEU B 115 -9.39 -7.94 8.64
CA LEU B 115 -9.18 -9.28 9.29
C LEU B 115 -10.22 -9.45 10.46
N THR B 116 -10.82 -10.63 10.55
CA THR B 116 -11.81 -10.82 11.60
C THR B 116 -11.70 -12.23 12.12
N LEU B 117 -12.02 -12.37 13.39
CA LEU B 117 -12.01 -13.67 14.08
C LEU B 117 -13.52 -14.00 14.44
N PRO B 118 -14.16 -14.87 13.70
CA PRO B 118 -15.55 -15.28 13.87
C PRO B 118 -16.03 -16.10 15.07
N SER B 119 -15.13 -16.64 15.95
CA SER B 119 -15.49 -17.47 17.09
C SER B 119 -14.30 -17.52 18.04
N ASP B 120 -14.52 -17.85 19.35
CA ASP B 120 -13.47 -17.92 20.31
C ASP B 120 -12.99 -19.34 20.41
N ALA B 121 -13.49 -20.19 19.55
CA ALA B 121 -12.99 -21.59 19.60
C ALA B 121 -11.47 -21.54 19.35
N ASN B 122 -10.68 -22.38 20.02
CA ASN B 122 -9.22 -22.29 19.82
C ASN B 122 -8.89 -22.62 18.37
N SER B 123 -7.94 -21.92 17.71
CA SER B 123 -7.61 -22.33 16.31
C SER B 123 -8.65 -22.04 15.18
N THR B 124 -9.57 -21.10 15.46
CA THR B 124 -10.54 -20.66 14.49
C THR B 124 -9.67 -19.81 13.50
N PRO B 125 -9.83 -20.07 12.27
CA PRO B 125 -9.03 -19.30 11.31
C PRO B 125 -9.54 -17.82 11.25
N ILE B 126 -8.57 -16.93 10.97
CA ILE B 126 -8.84 -15.47 10.82
C ILE B 126 -9.17 -15.34 9.31
N VAL B 127 -10.20 -14.53 8.91
CA VAL B 127 -10.62 -14.49 7.51
C VAL B 127 -11.01 -13.03 7.27
N LEU B 128 -11.11 -12.60 6.03
CA LEU B 128 -11.61 -11.24 5.79
C LEU B 128 -13.12 -11.17 6.07
N GLY B 129 -13.55 -10.01 6.51
CA GLY B 129 -15.00 -9.80 6.67
C GLY B 129 -15.34 -8.37 6.22
N GLU B 130 -16.61 -8.04 5.79
CA GLU B 130 -16.87 -6.62 5.52
C GLU B 130 -16.59 -5.72 6.76
N VAL B 131 -15.96 -4.55 6.54
CA VAL B 131 -15.72 -3.54 7.52
C VAL B 131 -17.17 -3.18 8.07
N ASP B 132 -17.23 -3.16 9.37
CA ASP B 132 -18.43 -2.96 10.27
C ASP B 132 -17.91 -2.38 11.59
N GLU B 133 -18.02 -1.07 11.70
CA GLU B 133 -17.63 -0.23 12.88
C GLU B 133 -18.03 -0.69 14.31
N THR B 134 -19.10 -1.46 14.36
CA THR B 134 -19.66 -1.96 15.57
C THR B 134 -19.20 -3.37 15.91
N SER B 135 -18.41 -3.98 15.04
CA SER B 135 -17.97 -5.40 15.27
C SER B 135 -16.62 -5.55 15.95
N THR B 136 -16.66 -6.09 17.17
CA THR B 136 -15.42 -6.29 17.92
C THR B 136 -14.60 -7.45 17.39
N ASN B 137 -15.22 -8.33 16.58
CA ASN B 137 -14.49 -9.46 15.99
C ASN B 137 -13.37 -8.96 15.05
N GLN B 138 -13.41 -7.67 14.61
CA GLN B 138 -12.39 -7.20 13.68
C GLN B 138 -11.57 -6.11 14.35
N LEU B 139 -11.63 -6.08 15.71
CA LEU B 139 -10.82 -5.16 16.40
C LEU B 139 -9.71 -5.97 17.06
N TRP B 140 -8.55 -5.33 17.11
CA TRP B 140 -7.26 -5.89 17.63
C TRP B 140 -6.38 -5.03 18.50
N ALA B 141 -5.96 -5.64 19.63
CA ALA B 141 -5.00 -5.00 20.50
C ALA B 141 -3.59 -5.54 20.22
N PHE B 142 -2.72 -4.59 20.20
CA PHE B 142 -1.30 -4.70 19.88
C PHE B 142 -0.45 -4.41 21.07
N GLU B 143 0.25 -5.43 21.47
CA GLU B 143 1.17 -5.28 22.62
C GLU B 143 2.61 -5.55 22.22
N SER B 144 3.51 -4.59 22.40
CA SER B 144 4.91 -4.80 22.12
C SER B 144 5.37 -6.06 22.82
N VAL B 145 6.26 -6.77 22.15
CA VAL B 145 6.70 -8.05 22.65
C VAL B 145 7.93 -7.78 23.46
N SER B 146 7.98 -8.27 24.69
CA SER B 146 9.24 -8.10 25.37
C SER B 146 9.83 -9.51 25.29
N ALA B 147 10.81 -9.68 24.39
CA ALA B 147 11.49 -10.96 24.20
C ALA B 147 12.41 -10.80 23.01
C1 Z3Q C . 4.07 30.94 -12.71
C11 Z3Q C . 3.21 32.73 -11.25
C12 Z3Q C . 2.76 34.14 -11.27
C2 Z3Q C . 3.26 30.24 -13.84
C7 Z3Q C . 1.19 29.92 -12.49
C8 Z3Q C . -0.28 30.18 -12.41
C3 Z3Q C . 3.63 28.74 -13.88
C4 Z3Q C . 5.16 28.61 -14.04
C5 Z3Q C . 5.91 29.51 -13.05
C6 Z3Q C . 7.42 29.58 -13.16
N1A Z3Q C . 1.44 34.26 -11.94
N1B Z3Q C . 0.84 33.44 -12.63
N1C Z3Q C . -0.33 33.89 -12.99
N2 Z3Q C . 1.78 30.44 -13.59
O1 Z3Q C . 3.66 32.33 -12.66
O7 Z3Q C . 1.76 29.24 -11.56
O3 Z3Q C . 2.95 28.14 -15.01
O4 Z3Q C . 5.62 27.18 -13.93
O5 Z3Q C . 5.41 30.88 -13.10
O6 Z3Q C . 7.76 30.06 -14.39
C1 NGA C . 5.53 26.29 -14.90
C2 NGA C . 6.44 25.12 -14.45
C3 NGA C . 6.33 24.05 -15.46
C4 NGA C . 4.84 23.61 -15.56
C5 NGA C . 4.01 24.85 -15.95
C6 NGA C . 2.50 24.59 -16.13
C7 NGA C . 8.39 25.70 -13.11
C8 NGA C . 9.84 26.02 -13.10
N2 NGA C . 7.85 25.51 -14.28
O3 NGA C . 7.16 22.87 -15.15
O4 NGA C . 4.39 23.23 -14.24
O5 NGA C . 4.18 25.83 -14.91
O6 NGA C . 1.90 25.88 -16.54
O7 NGA C . 7.79 25.62 -12.08
C1 Z3Q D . 3.54 -29.92 17.79
C11 Z3Q D . 4.54 -31.60 19.21
C12 Z3Q D . 4.55 -33.12 19.35
C2 Z3Q D . 2.76 -29.77 16.48
C7 Z3Q D . 3.67 -31.34 14.71
C8 Z3Q D . 2.74 -32.39 15.09
C3 Z3Q D . 2.32 -28.30 16.27
C4 Z3Q D . 1.67 -27.70 17.51
C5 Z3Q D . 2.40 -28.07 18.80
C6 Z3Q D . 1.54 -27.81 20.03
N1A Z3Q D . 3.30 -33.57 20.06
N1B Z3Q D . 3.46 -33.07 21.53
N1C Z3Q D . 3.18 -32.72 23.08
N2 Z3Q D . 3.68 -30.10 15.38
O1 Z3Q D . 3.81 -31.29 18.01
O7 Z3Q D . 4.43 -31.67 13.77
O3 Z3Q D . 1.38 -28.20 15.19
O4 Z3Q D . 1.71 -26.24 17.36
O5 Z3Q D . 2.75 -29.48 18.88
O6 Z3Q D . 2.35 -27.74 21.17
C1 NGA D . 0.63 -25.45 17.75
C2 NGA D . 1.11 -24.02 17.88
C3 NGA D . -0.05 -23.13 18.33
C4 NGA D . -1.11 -23.20 17.25
C5 NGA D . -1.55 -24.66 17.13
C6 NGA D . -2.72 -24.89 16.17
C7 NGA D . 3.50 -23.72 18.50
C8 NGA D . 4.47 -23.47 19.57
N2 NGA D . 2.22 -23.79 18.88
O3 NGA D . 0.45 -21.82 18.47
O4 NGA D . -0.56 -22.69 16.02
O5 NGA D . -0.42 -25.50 16.77
O6 NGA D . -2.95 -26.26 15.81
O7 NGA D . 3.92 -23.86 17.23
S SO4 E . 5.32 18.51 -28.96
O1 SO4 E . 5.79 17.09 -29.41
O2 SO4 E . 3.72 18.66 -28.80
O3 SO4 E . 5.84 18.73 -27.69
O4 SO4 E . 5.72 19.41 -30.04
S SO4 F . -8.74 -21.17 26.61
O1 SO4 F . -7.57 -20.90 25.79
O2 SO4 F . -8.04 -21.88 27.76
O3 SO4 F . -9.11 -19.72 27.00
O4 SO4 F . -9.67 -21.75 25.88
#